data_6S66
#
_entry.id   6S66
#
_cell.length_a   122.037
_cell.length_b   61.569
_cell.length_c   80.021
_cell.angle_alpha   90.000
_cell.angle_beta   117.380
_cell.angle_gamma   90.000
#
_symmetry.space_group_name_H-M   'C 1 2 1'
#
loop_
_entity.id
_entity.type
_entity.pdbx_description
1 polymer 'Transcriptional enhancer factor TEF-4'
2 non-polymer 'MYRISTIC ACID'
3 non-polymer 1-(2-azanylethyl)-3-(3,4-dichlorophenyl)-~{N}-(phenylmethyl)pyrazole-4-carboxamide
4 water water
#
_entity_poly.entity_id   1
_entity_poly.type   'polypeptide(L)'
_entity_poly.pdbx_seq_one_letter_code
;MAWQARGLGTARLQLVEFSAFVEPPDAVDSYQRHLFVHISQHCPSPGAPPLESVDVRQIYDKFPEKKGGLRELYDRGPPH
AFFLVKFWADLNWGPSGEEAGAGGSISSGGFYGVSSQYESLEHMTLTCSSKVCSFGKQVVEKVETERAQLEDGRFVYRLL
RSPMCEYLVNFLHKLRQLPERYMMNSVLENFTILQVVTNRDTQELLLCTAYVFEVSTSERGAQHHIYRLVRDVEHHHHHH
;
_entity_poly.pdbx_strand_id   A,B
#
loop_
_chem_comp.id
_chem_comp.type
_chem_comp.name
_chem_comp.formula
KWW non-polymer 1-(2-azanylethyl)-3-(3,4-dichlorophenyl)-~{N}-(phenylmethyl)pyrazole-4-carboxamide 'C19 H18 Cl2 N4 O'
MYR non-polymer 'MYRISTIC ACID' 'C14 H28 O2'
#
# COMPACT_ATOMS: atom_id res chain seq x y z
N GLY A 7 -12.31 -18.97 17.98
CA GLY A 7 -11.07 -18.29 18.46
C GLY A 7 -10.98 -16.86 17.93
N LEU A 8 -10.32 -16.71 16.77
CA LEU A 8 -10.25 -15.42 16.08
C LEU A 8 -11.56 -15.15 15.29
N GLY A 9 -12.42 -14.31 15.84
CA GLY A 9 -13.79 -14.19 15.40
C GLY A 9 -14.75 -13.45 16.33
N THR A 10 -15.77 -12.85 15.75
CA THR A 10 -16.95 -12.41 16.44
C THR A 10 -18.16 -13.25 15.88
N ALA A 11 -19.36 -12.92 16.36
CA ALA A 11 -20.63 -13.44 15.81
C ALA A 11 -20.83 -13.08 14.33
N ARG A 12 -20.43 -11.87 13.97
CA ARG A 12 -20.54 -11.39 12.61
C ARG A 12 -19.54 -11.95 11.63
N LEU A 13 -18.31 -12.27 12.05
CA LEU A 13 -17.20 -12.66 11.10
C LEU A 13 -16.14 -13.43 11.82
N GLN A 14 -15.78 -14.59 11.30
CA GLN A 14 -14.72 -15.43 11.87
C GLN A 14 -13.60 -15.60 10.84
N LEU A 15 -12.36 -15.60 11.33
CA LEU A 15 -11.22 -16.08 10.52
C LEU A 15 -11.30 -17.59 10.43
N VAL A 16 -11.18 -18.12 9.24
CA VAL A 16 -11.24 -19.58 9.02
C VAL A 16 -9.81 -20.12 8.79
N GLU A 17 -9.08 -19.51 7.85
CA GLU A 17 -7.68 -19.83 7.57
C GLU A 17 -6.86 -18.60 7.18
N PHE A 18 -5.59 -18.61 7.57
CA PHE A 18 -4.62 -17.59 7.23
C PHE A 18 -3.25 -18.28 7.05
N SER A 19 -2.66 -18.09 5.88
CA SER A 19 -1.32 -18.57 5.58
C SER A 19 -0.50 -17.47 4.84
N ALA A 20 0.79 -17.40 5.18
CA ALA A 20 1.76 -16.73 4.31
C ALA A 20 2.79 -17.80 3.91
N PHE A 21 3.19 -17.79 2.62
CA PHE A 21 3.92 -18.91 2.05
C PHE A 21 4.74 -18.52 0.84
N VAL A 22 5.61 -19.47 0.46
CA VAL A 22 6.36 -19.40 -0.80
C VAL A 22 6.31 -20.78 -1.44
N GLU A 23 6.08 -20.78 -2.76
CA GLU A 23 6.05 -21.99 -3.57
C GLU A 23 6.99 -21.78 -4.77
N PRO A 24 7.76 -22.82 -5.15
CA PRO A 24 8.81 -22.65 -6.15
C PRO A 24 8.28 -22.62 -7.59
N ARG A 33 5.28 -25.83 -1.59
CA ARG A 33 4.78 -24.77 -0.72
C ARG A 33 5.35 -24.77 0.70
N HIS A 34 5.98 -23.66 1.12
CA HIS A 34 6.47 -23.52 2.50
C HIS A 34 5.58 -22.46 3.19
N LEU A 35 5.19 -22.73 4.42
CA LEU A 35 4.36 -21.86 5.23
C LEU A 35 5.21 -21.20 6.28
N PHE A 36 5.24 -19.86 6.27
CA PHE A 36 5.99 -19.12 7.26
C PHE A 36 5.16 -19.14 8.53
N VAL A 37 3.87 -18.94 8.32
CA VAL A 37 2.84 -18.93 9.36
C VAL A 37 1.57 -19.53 8.78
N HIS A 38 0.74 -20.08 9.66
CA HIS A 38 -0.50 -20.77 9.29
C HIS A 38 -1.44 -20.72 10.49
N ILE A 39 -2.68 -20.25 10.25
CA ILE A 39 -3.75 -20.40 11.23
C ILE A 39 -4.81 -21.20 10.54
N SER A 40 -5.29 -22.25 11.21
CA SER A 40 -6.45 -23.03 10.75
C SER A 40 -7.49 -23.12 11.86
N GLN A 41 -8.73 -22.71 11.54
CA GLN A 41 -9.91 -22.80 12.45
C GLN A 41 -11.21 -23.35 11.83
N LEU A 51 -9.68 -17.93 25.25
CA LEU A 51 -8.50 -17.12 24.92
C LEU A 51 -8.08 -16.29 26.11
N GLU A 52 -6.77 -16.16 26.36
CA GLU A 52 -6.24 -15.19 27.32
C GLU A 52 -6.38 -13.75 26.79
N SER A 53 -6.21 -12.77 27.67
CA SER A 53 -6.31 -11.36 27.35
C SER A 53 -4.93 -10.75 27.39
N VAL A 54 -4.82 -9.54 26.85
CA VAL A 54 -3.59 -8.74 26.87
C VAL A 54 -4.06 -7.27 26.87
N ASP A 55 -3.43 -6.43 27.69
CA ASP A 55 -3.79 -5.02 27.74
C ASP A 55 -3.25 -4.36 26.46
N VAL A 56 -4.14 -3.92 25.57
CA VAL A 56 -3.77 -3.16 24.36
C VAL A 56 -2.72 -2.08 24.59
N ARG A 57 -2.67 -1.55 25.81
CA ARG A 57 -1.77 -0.45 26.18
C ARG A 57 -0.32 -0.89 26.12
N GLN A 58 -0.09 -2.17 26.37
CA GLN A 58 1.23 -2.80 26.20
C GLN A 58 1.81 -2.66 24.79
N ILE A 59 0.92 -2.68 23.79
CA ILE A 59 1.36 -2.73 22.41
C ILE A 59 1.10 -1.45 21.59
N TYR A 60 0.70 -0.35 22.23
CA TYR A 60 0.45 0.96 21.53
C TYR A 60 1.67 1.45 20.73
N ASP A 61 2.84 1.34 21.36
CA ASP A 61 4.13 1.75 20.80
C ASP A 61 4.63 0.90 19.64
N LYS A 62 4.08 -0.32 19.50
CA LYS A 62 4.33 -1.23 18.38
C LYS A 62 3.60 -0.82 17.06
N PHE A 63 2.69 0.17 17.15
CA PHE A 63 1.88 0.67 16.03
C PHE A 63 1.93 2.22 16.07
N PRO A 64 1.62 2.91 14.95
CA PRO A 64 1.71 4.37 14.97
C PRO A 64 0.54 4.96 15.72
N GLU A 65 0.73 6.15 16.30
CA GLU A 65 -0.32 6.86 17.05
C GLU A 65 -1.14 7.84 16.16
N LYS A 66 -0.84 7.84 14.85
CA LYS A 66 -1.61 8.58 13.84
C LYS A 66 -3.05 8.07 13.68
N LYS A 67 -3.80 8.66 12.76
CA LYS A 67 -5.09 8.12 12.35
C LYS A 67 -4.82 6.72 11.80
N GLY A 68 -5.69 5.77 12.13
CA GLY A 68 -5.39 4.34 11.94
C GLY A 68 -4.37 3.85 12.95
N GLY A 69 -4.30 4.52 14.08
CA GLY A 69 -3.51 4.09 15.23
C GLY A 69 -4.36 3.15 16.06
N LEU A 70 -3.69 2.23 16.75
CA LEU A 70 -4.36 1.17 17.49
C LEU A 70 -5.19 1.73 18.64
N ARG A 71 -4.65 2.72 19.34
CA ARG A 71 -5.37 3.41 20.43
C ARG A 71 -6.69 3.99 19.93
N GLU A 72 -6.59 4.70 18.80
CA GLU A 72 -7.70 5.36 18.13
C GLU A 72 -8.78 4.34 17.69
N LEU A 73 -8.39 3.34 16.90
CA LEU A 73 -9.29 2.22 16.56
C LEU A 73 -10.01 1.67 17.78
N TYR A 74 -9.25 1.38 18.82
CA TYR A 74 -9.75 0.73 20.02
C TYR A 74 -10.73 1.64 20.78
N ASP A 75 -10.36 2.93 20.92
CA ASP A 75 -11.29 4.03 21.35
C ASP A 75 -12.67 3.94 20.68
N ARG A 76 -12.73 3.90 19.34
CA ARG A 76 -14.04 3.80 18.64
C ARG A 76 -14.75 2.49 18.92
N GLY A 77 -13.98 1.41 19.13
CA GLY A 77 -14.54 0.10 19.45
C GLY A 77 -15.19 -0.56 18.25
N PRO A 78 -15.90 -1.67 18.42
CA PRO A 78 -16.17 -2.28 19.73
C PRO A 78 -14.98 -3.11 20.23
N PRO A 79 -14.76 -3.16 21.54
CA PRO A 79 -13.63 -3.90 22.11
C PRO A 79 -13.51 -5.40 21.82
N HIS A 80 -14.59 -6.12 21.66
CA HIS A 80 -14.56 -7.59 21.42
C HIS A 80 -14.12 -7.96 20.02
N ALA A 81 -13.96 -6.95 19.14
CA ALA A 81 -13.46 -7.16 17.76
C ALA A 81 -11.92 -7.19 17.63
N PHE A 82 -11.19 -6.94 18.73
CA PHE A 82 -9.75 -6.76 18.73
C PHE A 82 -8.95 -7.95 19.28
N PHE A 83 -8.06 -8.48 18.47
CA PHE A 83 -7.22 -9.65 18.80
C PHE A 83 -5.75 -9.40 18.58
N LEU A 84 -4.90 -10.14 19.32
CA LEU A 84 -3.48 -10.21 19.10
C LEU A 84 -3.15 -11.65 18.73
N VAL A 85 -2.42 -11.85 17.62
CA VAL A 85 -1.80 -13.08 17.27
C VAL A 85 -0.30 -12.93 17.49
N LYS A 86 0.31 -13.86 18.22
CA LYS A 86 1.79 -13.94 18.29
C LYS A 86 2.16 -15.11 17.44
N PHE A 87 3.01 -14.88 16.43
CA PHE A 87 3.48 -15.90 15.50
C PHE A 87 4.94 -16.29 15.79
N TRP A 88 5.23 -17.60 15.82
CA TRP A 88 6.63 -18.09 15.82
C TRP A 88 6.79 -18.69 14.47
N ALA A 89 7.55 -18.01 13.61
CA ALA A 89 7.49 -18.25 12.17
C ALA A 89 8.61 -19.19 11.75
N ASP A 90 8.40 -19.83 10.60
CA ASP A 90 9.32 -20.82 10.11
C ASP A 90 9.95 -20.22 8.90
N LEU A 91 11.20 -19.74 9.06
CA LEU A 91 12.03 -19.16 7.98
C LEU A 91 13.04 -20.18 7.42
N ASN A 92 12.80 -21.47 7.66
CA ASN A 92 13.72 -22.55 7.28
C ASN A 92 13.17 -23.25 6.02
N TRP A 93 13.42 -22.66 4.86
CA TRP A 93 13.02 -23.20 3.55
C TRP A 93 14.14 -23.19 2.48
N GLY A 110 10.70 -17.81 -6.23
CA GLY A 110 9.43 -18.36 -5.75
C GLY A 110 8.25 -17.41 -5.88
N PHE A 111 7.06 -17.94 -5.65
CA PHE A 111 5.84 -17.13 -5.49
C PHE A 111 5.63 -16.87 -3.99
N TYR A 112 5.45 -15.60 -3.64
CA TYR A 112 5.29 -15.18 -2.25
C TYR A 112 3.84 -14.69 -2.11
N GLY A 113 3.10 -15.40 -1.27
CA GLY A 113 1.68 -15.19 -1.15
C GLY A 113 1.17 -15.23 0.25
N VAL A 114 0.04 -14.55 0.39
CA VAL A 114 -0.83 -14.50 1.55
C VAL A 114 -2.25 -15.03 1.15
N SER A 115 -2.78 -15.97 1.93
CA SER A 115 -4.14 -16.47 1.72
C SER A 115 -4.91 -16.32 2.99
N SER A 116 -6.07 -15.66 2.90
CA SER A 116 -6.99 -15.50 4.03
C SER A 116 -8.42 -15.93 3.63
N GLN A 117 -9.11 -16.53 4.59
CA GLN A 117 -10.50 -16.93 4.41
C GLN A 117 -11.24 -16.54 5.66
N TYR A 118 -12.31 -15.79 5.47
CA TYR A 118 -13.21 -15.44 6.54
C TYR A 118 -14.56 -16.05 6.20
N GLU A 119 -15.43 -16.09 7.20
CA GLU A 119 -16.79 -16.55 6.99
C GLU A 119 -17.78 -15.85 7.92
N SER A 120 -19.04 -15.76 7.47
CA SER A 120 -20.22 -15.29 8.26
C SER A 120 -21.54 -15.89 7.76
N LEU A 121 -22.56 -15.67 8.56
CA LEU A 121 -23.97 -15.97 8.22
C LEU A 121 -24.65 -14.80 7.47
N GLU A 122 -24.10 -13.59 7.56
CA GLU A 122 -24.65 -12.42 6.89
C GLU A 122 -23.87 -12.20 5.59
N HIS A 123 -24.59 -11.76 4.53
CA HIS A 123 -24.04 -11.38 3.24
C HIS A 123 -23.46 -9.97 3.32
N MET A 124 -22.16 -9.85 3.10
CA MET A 124 -21.42 -8.58 3.27
C MET A 124 -20.41 -8.38 2.14
N THR A 125 -19.98 -7.15 1.99
CA THR A 125 -18.74 -6.86 1.29
C THR A 125 -17.74 -6.34 2.33
N LEU A 126 -16.53 -6.92 2.28
CA LEU A 126 -15.44 -6.60 3.24
C LEU A 126 -14.34 -5.75 2.62
N THR A 127 -13.93 -4.71 3.36
CA THR A 127 -12.66 -4.01 3.18
C THR A 127 -11.64 -4.58 4.16
N CYS A 128 -10.59 -5.19 3.65
CA CYS A 128 -9.48 -5.75 4.42
C CYS A 128 -8.25 -4.85 4.25
N SER A 129 -7.86 -4.21 5.34
CA SER A 129 -6.69 -3.32 5.40
C SER A 129 -5.55 -3.95 6.23
N SER A 130 -4.43 -4.25 5.58
CA SER A 130 -3.21 -4.69 6.19
C SER A 130 -2.23 -3.52 6.23
N LYS A 131 -1.67 -3.24 7.42
CA LYS A 131 -0.66 -2.22 7.60
C LYS A 131 0.59 -2.85 8.16
N VAL A 132 1.68 -2.85 7.40
CA VAL A 132 2.97 -3.28 7.91
C VAL A 132 3.71 -2.09 8.56
N CYS A 133 4.12 -2.29 9.82
CA CYS A 133 4.77 -1.28 10.64
C CYS A 133 6.22 -1.67 11.02
N SER A 134 7.10 -0.70 11.02
CA SER A 134 8.51 -0.93 11.29
C SER A 134 8.89 0.20 12.19
N PHE A 135 9.34 -0.18 13.41
CA PHE A 135 9.62 0.78 14.49
C PHE A 135 8.42 1.69 14.78
N GLY A 136 7.22 1.13 14.72
CA GLY A 136 5.99 1.91 14.99
C GLY A 136 5.53 2.84 13.87
N LYS A 137 6.25 2.86 12.74
CA LYS A 137 5.87 3.64 11.57
C LYS A 137 5.25 2.71 10.59
N GLN A 138 4.15 3.12 9.97
CA GLN A 138 3.58 2.39 8.86
C GLN A 138 4.41 2.55 7.61
N VAL A 139 4.92 1.45 7.08
CA VAL A 139 5.69 1.43 5.85
C VAL A 139 4.91 0.84 4.66
N VAL A 140 3.81 0.12 4.94
CA VAL A 140 2.95 -0.45 3.92
C VAL A 140 1.50 -0.36 4.36
N GLU A 141 0.61 -0.01 3.43
CA GLU A 141 -0.80 -0.24 3.55
C GLU A 141 -1.32 -0.90 2.31
N LYS A 142 -1.92 -2.08 2.47
CA LYS A 142 -2.54 -2.86 1.40
C LYS A 142 -4.03 -2.86 1.75
N VAL A 143 -4.86 -2.38 0.80
CA VAL A 143 -6.31 -2.31 0.95
C VAL A 143 -6.93 -3.18 -0.14
N GLU A 144 -7.74 -4.16 0.29
CA GLU A 144 -8.40 -5.17 -0.55
C GLU A 144 -9.90 -5.25 -0.21
N THR A 145 -10.66 -5.67 -1.22
CA THR A 145 -12.12 -5.87 -1.15
C THR A 145 -12.46 -7.33 -1.57
N GLU A 146 -13.43 -7.90 -0.86
CA GLU A 146 -13.99 -9.22 -1.17
C GLU A 146 -15.48 -9.28 -0.83
N ARG A 147 -16.24 -9.71 -1.82
CA ARG A 147 -17.67 -9.85 -1.73
C ARG A 147 -17.92 -11.25 -1.20
N ALA A 148 -18.99 -11.42 -0.42
CA ALA A 148 -19.40 -12.75 0.05
C ALA A 148 -19.73 -13.66 -1.11
N GLN A 149 -19.40 -14.93 -0.98
CA GLN A 149 -19.76 -16.03 -1.87
C GLN A 149 -20.54 -17.05 -1.04
N LEU A 150 -21.68 -17.52 -1.52
CA LEU A 150 -22.47 -18.55 -0.79
C LEU A 150 -21.88 -19.92 -1.01
N GLU A 151 -21.72 -20.65 0.09
CA GLU A 151 -21.18 -22.00 0.06
C GLU A 151 -21.54 -22.73 1.39
N ASP A 152 -22.17 -23.91 1.26
CA ASP A 152 -22.61 -24.75 2.37
C ASP A 152 -23.35 -23.98 3.45
N GLY A 153 -24.36 -23.22 3.04
CA GLY A 153 -25.21 -22.52 4.01
C GLY A 153 -24.56 -21.41 4.84
N ARG A 154 -23.43 -20.86 4.38
CA ARG A 154 -22.75 -19.69 4.99
C ARG A 154 -22.07 -18.85 3.93
N PHE A 155 -21.71 -17.63 4.29
CA PHE A 155 -20.94 -16.78 3.40
C PHE A 155 -19.41 -16.90 3.65
N VAL A 156 -18.64 -17.17 2.59
CA VAL A 156 -17.17 -17.27 2.70
C VAL A 156 -16.52 -16.13 1.91
N TYR A 157 -15.47 -15.58 2.50
CA TYR A 157 -14.68 -14.55 1.86
C TYR A 157 -13.26 -15.13 1.70
N ARG A 158 -12.87 -15.36 0.45
CA ARG A 158 -11.61 -15.98 0.10
C ARG A 158 -10.70 -14.94 -0.56
N LEU A 159 -9.66 -14.49 0.17
CA LEU A 159 -8.58 -13.62 -0.40
C LEU A 159 -7.35 -14.51 -0.57
N LEU A 160 -7.30 -15.22 -1.69
CA LEU A 160 -6.35 -16.32 -1.84
C LEU A 160 -5.20 -15.90 -2.75
N ARG A 161 -3.97 -16.27 -2.36
CA ARG A 161 -2.78 -16.03 -3.16
C ARG A 161 -2.62 -14.56 -3.53
N SER A 162 -2.96 -13.66 -2.60
CA SER A 162 -2.64 -12.25 -2.81
C SER A 162 -1.12 -12.17 -2.78
N PRO A 163 -0.51 -11.51 -3.77
CA PRO A 163 0.94 -11.49 -3.84
C PRO A 163 1.50 -10.62 -2.71
N MET A 164 2.37 -11.20 -1.91
CA MET A 164 3.03 -10.50 -0.82
C MET A 164 3.75 -9.31 -1.41
N CYS A 165 3.61 -8.12 -0.83
CA CYS A 165 4.28 -6.90 -1.30
C CYS A 165 5.78 -7.05 -1.24
N GLU A 166 6.46 -6.30 -2.08
CA GLU A 166 7.87 -6.51 -2.32
C GLU A 166 8.72 -6.12 -1.09
N TYR A 167 8.24 -5.17 -0.31
CA TYR A 167 8.88 -4.83 0.93
C TYR A 167 9.07 -6.09 1.81
N LEU A 168 7.99 -6.86 2.03
CA LEU A 168 8.07 -8.04 2.84
C LEU A 168 8.90 -9.13 2.22
N VAL A 169 8.90 -9.23 0.90
CA VAL A 169 9.65 -10.26 0.21
C VAL A 169 11.15 -9.99 0.39
N ASN A 170 11.57 -8.73 0.24
CA ASN A 170 12.97 -8.34 0.37
C ASN A 170 13.42 -8.47 1.83
N PHE A 171 12.55 -8.01 2.73
CA PHE A 171 12.68 -8.22 4.16
C PHE A 171 12.91 -9.70 4.55
N LEU A 172 12.06 -10.62 4.06
CA LEU A 172 12.18 -12.05 4.36
C LEU A 172 13.51 -12.61 3.86
N HIS A 173 13.92 -12.16 2.68
CA HIS A 173 15.12 -12.64 2.03
C HIS A 173 16.35 -12.21 2.84
N LYS A 174 16.35 -10.98 3.33
CA LYS A 174 17.37 -10.51 4.24
C LYS A 174 17.32 -11.31 5.54
N LEU A 175 16.12 -11.39 6.13
CA LEU A 175 15.91 -11.96 7.45
C LEU A 175 16.49 -13.39 7.50
N ARG A 176 16.31 -14.17 6.46
CA ARG A 176 16.78 -15.54 6.51
C ARG A 176 18.30 -15.68 6.31
N GLN A 177 18.98 -14.58 5.92
CA GLN A 177 20.44 -14.55 5.82
C GLN A 177 21.10 -14.48 7.21
N LEU A 178 20.42 -13.94 8.21
CA LEU A 178 20.94 -13.81 9.55
C LEU A 178 21.43 -15.17 10.07
N PRO A 179 22.60 -15.20 10.71
CA PRO A 179 23.20 -16.49 11.11
C PRO A 179 22.68 -17.08 12.40
N GLU A 180 21.88 -16.34 13.18
CA GLU A 180 21.31 -16.80 14.44
C GLU A 180 19.87 -16.35 14.63
N ARG A 181 19.07 -17.20 15.25
CA ARG A 181 17.67 -16.89 15.52
C ARG A 181 17.52 -15.76 16.49
N TYR A 182 18.40 -15.68 17.47
CA TYR A 182 18.34 -14.58 18.43
C TYR A 182 18.43 -13.21 17.66
N MET A 183 19.19 -13.19 16.57
CA MET A 183 19.31 -12.00 15.70
C MET A 183 18.00 -11.68 14.92
N MET A 184 17.47 -12.68 14.24
CA MET A 184 16.11 -12.63 13.65
C MET A 184 15.07 -12.12 14.65
N ASN A 185 15.04 -12.64 15.88
CA ASN A 185 14.07 -12.16 16.86
C ASN A 185 14.26 -10.70 17.26
N SER A 186 15.53 -10.30 17.38
CA SER A 186 15.88 -8.93 17.64
C SER A 186 15.37 -7.99 16.55
N VAL A 187 15.61 -8.37 15.31
CA VAL A 187 15.11 -7.58 14.20
C VAL A 187 13.59 -7.56 14.22
N LEU A 188 12.96 -8.72 14.49
CA LEU A 188 11.50 -8.88 14.50
C LEU A 188 10.79 -8.20 15.66
N GLU A 189 11.51 -7.83 16.71
CA GLU A 189 10.95 -6.99 17.83
C GLU A 189 10.29 -5.71 17.24
N ASN A 190 10.84 -5.19 16.14
CA ASN A 190 10.45 -3.90 15.58
C ASN A 190 9.46 -4.01 14.40
N PHE A 191 8.88 -5.18 14.17
CA PHE A 191 8.07 -5.43 13.00
C PHE A 191 6.72 -6.00 13.37
N THR A 192 5.65 -5.26 13.02
CA THR A 192 4.30 -5.65 13.31
C THR A 192 3.37 -5.49 12.11
N ILE A 193 2.24 -6.20 12.15
CA ILE A 193 1.17 -6.07 11.18
C ILE A 193 -0.14 -5.80 11.90
N LEU A 194 -0.93 -4.87 11.37
CA LEU A 194 -2.27 -4.54 11.85
C LEU A 194 -3.17 -4.81 10.67
N GLN A 195 -4.15 -5.72 10.87
CA GLN A 195 -5.21 -6.03 9.89
C GLN A 195 -6.55 -5.55 10.38
N VAL A 196 -7.21 -4.71 9.58
CA VAL A 196 -8.49 -4.11 9.92
C VAL A 196 -9.48 -4.58 8.86
N VAL A 197 -10.57 -5.21 9.30
CA VAL A 197 -11.59 -5.74 8.42
C VAL A 197 -12.88 -5.03 8.77
N THR A 198 -13.46 -4.34 7.79
CA THR A 198 -14.68 -3.51 7.99
C THR A 198 -15.75 -3.97 7.03
N ASN A 199 -17.00 -3.71 7.40
CA ASN A 199 -18.15 -3.85 6.50
C ASN A 199 -18.02 -2.69 5.54
N ARG A 200 -17.72 -2.96 4.27
CA ARG A 200 -17.55 -1.86 3.28
C ARG A 200 -18.82 -1.00 3.23
N ASP A 201 -19.99 -1.63 3.16
CA ASP A 201 -21.25 -0.85 3.06
C ASP A 201 -21.57 0.04 4.29
N THR A 202 -21.38 -0.44 5.52
CA THR A 202 -21.67 0.37 6.73
C THR A 202 -20.43 1.06 7.34
N GLN A 203 -19.22 0.67 6.95
CA GLN A 203 -17.97 1.16 7.58
C GLN A 203 -17.77 0.70 9.05
N GLU A 204 -18.56 -0.27 9.53
CA GLU A 204 -18.42 -0.82 10.87
C GLU A 204 -17.18 -1.72 10.96
N LEU A 205 -16.40 -1.57 12.03
CA LEU A 205 -15.28 -2.50 12.24
C LEU A 205 -15.83 -3.86 12.56
N LEU A 206 -15.35 -4.88 11.89
CA LEU A 206 -15.73 -6.28 12.17
C LEU A 206 -14.63 -6.97 12.92
N LEU A 207 -13.38 -6.73 12.50
CA LEU A 207 -12.20 -7.39 13.08
C LEU A 207 -11.01 -6.48 13.01
N CYS A 208 -10.24 -6.43 14.11
CA CYS A 208 -8.92 -5.81 14.10
C CYS A 208 -7.91 -6.75 14.74
N THR A 209 -6.87 -7.15 14.04
CA THR A 209 -5.88 -8.06 14.57
C THR A 209 -4.47 -7.43 14.45
N ALA A 210 -3.78 -7.40 15.59
CA ALA A 210 -2.38 -7.08 15.71
C ALA A 210 -1.58 -8.35 15.67
N TYR A 211 -0.57 -8.38 14.80
CA TYR A 211 0.40 -9.50 14.65
C TYR A 211 1.79 -9.08 15.16
N VAL A 212 2.39 -9.96 15.95
CA VAL A 212 3.80 -9.83 16.40
C VAL A 212 4.51 -11.14 16.04
N PHE A 213 5.84 -11.05 15.91
CA PHE A 213 6.64 -12.12 15.31
C PHE A 213 7.96 -12.47 16.07
N GLU A 214 8.24 -13.76 16.07
CA GLU A 214 9.53 -14.37 16.39
C GLU A 214 9.71 -15.45 15.40
N VAL A 215 10.88 -16.08 15.38
CA VAL A 215 11.12 -17.24 14.53
C VAL A 215 11.14 -18.45 15.44
N SER A 216 10.60 -19.56 14.96
CA SER A 216 10.71 -20.88 15.59
C SER A 216 11.91 -21.57 14.98
N THR A 217 12.31 -22.67 15.58
CA THR A 217 13.13 -23.70 14.90
C THR A 217 12.21 -24.52 13.98
N SER A 218 12.78 -24.95 12.85
CA SER A 218 12.12 -25.84 11.87
C SER A 218 11.74 -27.21 12.48
N GLU A 219 12.55 -27.67 13.43
CA GLU A 219 12.24 -28.81 14.30
C GLU A 219 10.88 -28.63 15.02
N ARG A 220 10.72 -27.46 15.66
CA ARG A 220 9.50 -27.15 16.36
C ARG A 220 8.35 -26.80 15.42
N GLY A 221 8.66 -26.18 14.28
CA GLY A 221 7.63 -25.77 13.32
C GLY A 221 6.93 -24.47 13.73
N ALA A 222 6.19 -23.90 12.78
CA ALA A 222 5.37 -22.67 13.08
C ALA A 222 4.34 -22.89 14.20
N GLN A 223 3.98 -21.81 14.88
CA GLN A 223 3.10 -21.85 15.95
C GLN A 223 2.53 -20.46 16.05
N HIS A 224 1.31 -20.35 16.60
CA HIS A 224 0.69 -19.09 16.88
C HIS A 224 -0.05 -19.22 18.20
N HIS A 225 -0.28 -18.11 18.88
CA HIS A 225 -1.12 -18.02 20.08
CA HIS A 225 -1.19 -18.05 20.00
C HIS A 225 -2.02 -16.80 19.86
N ILE A 226 -3.34 -16.99 19.97
CA ILE A 226 -4.31 -15.92 19.73
C ILE A 226 -4.76 -15.45 21.09
N TYR A 227 -4.78 -14.14 21.28
CA TYR A 227 -5.21 -13.50 22.50
C TYR A 227 -6.31 -12.46 22.19
N ARG A 228 -7.08 -12.09 23.20
CA ARG A 228 -8.01 -10.99 23.11
C ARG A 228 -7.33 -9.75 23.61
N LEU A 229 -7.66 -8.61 23.02
CA LEU A 229 -7.14 -7.35 23.46
C LEU A 229 -8.23 -6.68 24.31
N VAL A 230 -7.82 -6.24 25.51
CA VAL A 230 -8.73 -5.63 26.50
C VAL A 230 -8.13 -4.31 26.97
N ARG A 231 -8.95 -3.46 27.60
CA ARG A 231 -8.51 -2.15 28.13
C ARG A 231 -9.30 -1.75 29.37
N TRP B 3 4.07 2.30 -33.16
CA TRP B 3 3.02 2.68 -32.15
C TRP B 3 3.67 3.12 -30.85
N GLN B 4 4.29 4.31 -30.88
CA GLN B 4 4.94 4.98 -29.72
C GLN B 4 3.97 5.98 -29.09
N ALA B 5 3.98 6.05 -27.76
CA ALA B 5 3.00 6.82 -26.98
C ALA B 5 3.11 8.34 -27.17
N ARG B 6 1.93 8.97 -27.18
CA ARG B 6 1.72 10.41 -27.26
C ARG B 6 1.34 10.95 -25.89
N GLY B 7 0.79 10.10 -25.02
CA GLY B 7 0.44 10.45 -23.63
C GLY B 7 0.81 9.36 -22.63
N LEU B 8 0.41 9.53 -21.39
CA LEU B 8 0.70 8.59 -20.34
C LEU B 8 -0.35 7.48 -20.36
N GLY B 9 0.00 6.35 -20.99
CA GLY B 9 -0.92 5.25 -21.13
C GLY B 9 -0.49 4.30 -22.22
N THR B 10 -1.13 3.14 -22.26
CA THR B 10 -0.99 2.19 -23.35
C THR B 10 -2.38 2.01 -23.92
N ALA B 11 -2.50 1.13 -24.92
CA ALA B 11 -3.81 0.77 -25.48
C ALA B 11 -4.70 0.07 -24.47
N ARG B 12 -4.10 -0.55 -23.47
CA ARG B 12 -4.81 -1.31 -22.47
C ARG B 12 -5.20 -0.50 -21.25
N LEU B 13 -4.45 0.57 -20.94
CA LEU B 13 -4.74 1.42 -19.80
C LEU B 13 -4.17 2.79 -19.95
N GLN B 14 -5.06 3.79 -19.92
CA GLN B 14 -4.71 5.20 -20.08
C GLN B 14 -4.94 5.85 -18.74
N LEU B 15 -3.98 6.67 -18.29
CA LEU B 15 -4.24 7.62 -17.23
C LEU B 15 -5.09 8.75 -17.77
N VAL B 16 -6.20 9.02 -17.13
CA VAL B 16 -7.09 10.11 -17.53
C VAL B 16 -6.71 11.36 -16.72
N GLU B 17 -6.61 11.17 -15.41
CA GLU B 17 -6.41 12.23 -14.47
C GLU B 17 -5.72 11.77 -13.20
N PHE B 18 -4.79 12.60 -12.74
CA PHE B 18 -4.00 12.38 -11.53
C PHE B 18 -3.80 13.74 -10.87
N SER B 19 -4.04 13.82 -9.58
CA SER B 19 -3.80 15.05 -8.86
C SER B 19 -3.52 14.74 -7.40
N ALA B 20 -2.70 15.59 -6.77
CA ALA B 20 -2.53 15.57 -5.33
C ALA B 20 -2.82 17.01 -4.92
N PHE B 21 -3.54 17.19 -3.82
CA PHE B 21 -4.17 18.44 -3.48
C PHE B 21 -4.41 18.54 -1.99
N VAL B 22 -4.71 19.78 -1.56
CA VAL B 22 -5.21 20.08 -0.23
C VAL B 22 -6.40 21.08 -0.33
N GLU B 23 -7.41 20.81 0.49
CA GLU B 23 -8.61 21.59 0.67
C GLU B 23 -8.51 22.18 2.06
N PRO B 24 -8.56 23.53 2.20
CA PRO B 24 -8.37 24.13 3.52
C PRO B 24 -9.57 23.83 4.40
N PRO B 25 -9.43 23.96 5.73
CA PRO B 25 -10.56 23.64 6.63
C PRO B 25 -11.86 24.39 6.30
N ASP B 26 -11.72 25.59 5.75
CA ASP B 26 -12.83 26.45 5.36
C ASP B 26 -13.34 26.18 3.92
N ALA B 27 -13.09 24.99 3.39
CA ALA B 27 -13.55 24.62 2.04
C ALA B 27 -15.05 24.31 2.06
N VAL B 28 -15.54 23.85 3.22
CA VAL B 28 -16.99 23.67 3.50
C VAL B 28 -17.84 24.95 3.34
N ASP B 29 -17.24 26.09 3.61
CA ASP B 29 -17.90 27.40 3.55
C ASP B 29 -17.75 28.05 2.17
N SER B 30 -16.52 28.21 1.70
CA SER B 30 -16.30 28.48 0.26
C SER B 30 -15.24 27.53 -0.28
N TYR B 31 -15.62 26.69 -1.25
CA TYR B 31 -14.78 25.60 -1.66
C TYR B 31 -13.56 26.07 -2.42
N GLN B 32 -12.42 25.53 -2.04
CA GLN B 32 -11.25 25.59 -2.89
C GLN B 32 -10.33 24.38 -2.59
N ARG B 33 -9.40 24.17 -3.50
CA ARG B 33 -8.33 23.24 -3.32
C ARG B 33 -7.06 23.72 -4.01
N HIS B 34 -5.93 23.38 -3.40
CA HIS B 34 -4.64 23.69 -3.92
C HIS B 34 -4.14 22.37 -4.56
N LEU B 35 -3.66 22.46 -5.78
CA LEU B 35 -3.05 21.39 -6.51
C LEU B 35 -1.54 21.42 -6.39
N PHE B 36 -0.97 20.47 -5.66
CA PHE B 36 0.50 20.32 -5.60
C PHE B 36 0.98 19.90 -6.98
N VAL B 37 0.32 18.90 -7.59
CA VAL B 37 0.62 18.42 -8.95
C VAL B 37 -0.68 17.99 -9.59
N HIS B 38 -0.70 17.97 -10.92
CA HIS B 38 -1.96 17.67 -11.68
C HIS B 38 -1.63 17.19 -13.07
N ILE B 39 -2.19 16.05 -13.50
CA ILE B 39 -2.15 15.58 -14.90
C ILE B 39 -3.59 15.37 -15.35
N SER B 40 -3.94 15.98 -16.47
CA SER B 40 -5.26 15.76 -17.07
C SER B 40 -5.04 15.46 -18.56
N GLN B 41 -5.49 14.30 -19.01
CA GLN B 41 -5.26 13.83 -20.39
C GLN B 41 -6.56 13.66 -21.20
N PRO B 49 2.04 13.71 -32.16
CA PRO B 49 3.33 14.14 -31.58
C PRO B 49 3.86 13.14 -30.53
N PRO B 50 4.95 12.37 -30.83
CA PRO B 50 5.42 11.38 -29.86
C PRO B 50 6.05 12.03 -28.60
N LEU B 51 6.03 11.31 -27.49
CA LEU B 51 6.71 11.79 -26.28
C LEU B 51 8.20 11.61 -26.49
N GLU B 52 8.99 12.43 -25.83
CA GLU B 52 10.41 12.33 -25.83
C GLU B 52 10.72 11.21 -24.90
N SER B 53 11.97 10.76 -24.88
CA SER B 53 12.33 9.59 -24.12
C SER B 53 13.57 9.81 -23.24
N VAL B 54 13.68 9.00 -22.20
CA VAL B 54 14.78 9.04 -21.23
C VAL B 54 15.16 7.57 -21.04
N ASP B 55 16.46 7.25 -21.12
CA ASP B 55 16.94 5.90 -20.87
C ASP B 55 16.80 5.60 -19.39
N VAL B 56 16.33 4.40 -19.09
CA VAL B 56 15.89 4.01 -17.77
C VAL B 56 17.06 3.67 -16.85
N ARG B 57 18.23 3.42 -17.43
CA ARG B 57 19.46 3.16 -16.66
C ARG B 57 19.85 4.41 -15.86
N GLN B 58 19.61 5.60 -16.41
CA GLN B 58 19.86 6.89 -15.69
C GLN B 58 19.23 7.00 -14.29
N ILE B 59 18.06 6.38 -14.09
CA ILE B 59 17.23 6.65 -12.90
C ILE B 59 17.04 5.44 -11.97
N TYR B 60 17.74 4.33 -12.26
CA TYR B 60 17.71 3.12 -11.42
C TYR B 60 18.09 3.39 -9.98
N ASP B 61 19.11 4.23 -9.82
CA ASP B 61 19.67 4.64 -8.53
C ASP B 61 18.63 5.31 -7.66
N LYS B 62 17.68 5.99 -8.31
CA LYS B 62 16.68 6.80 -7.63
C LYS B 62 15.50 5.99 -7.06
N PHE B 63 15.43 4.69 -7.36
CA PHE B 63 14.37 3.76 -6.88
C PHE B 63 15.01 2.49 -6.32
N PRO B 64 14.25 1.70 -5.52
CA PRO B 64 14.82 0.44 -4.94
C PRO B 64 15.42 -0.47 -6.03
N GLU B 65 16.43 -1.25 -5.68
CA GLU B 65 17.15 -2.04 -6.69
C GLU B 65 17.05 -3.56 -6.48
N LYS B 66 16.07 -4.02 -5.69
CA LYS B 66 16.02 -5.45 -5.34
C LYS B 66 14.76 -6.21 -5.73
N LYS B 67 13.70 -5.53 -6.12
CA LYS B 67 12.46 -6.21 -6.51
C LYS B 67 11.59 -5.25 -7.33
N GLY B 68 10.37 -4.90 -6.89
CA GLY B 68 9.65 -3.68 -7.38
C GLY B 68 10.54 -2.43 -7.45
N GLY B 69 11.82 -2.68 -7.71
CA GLY B 69 12.75 -1.75 -8.29
C GLY B 69 12.66 -1.69 -9.81
N LEU B 70 13.05 -0.55 -10.35
CA LEU B 70 12.89 -0.29 -11.76
C LEU B 70 13.48 -1.37 -12.62
N ARG B 71 14.71 -1.78 -12.30
CA ARG B 71 15.47 -2.70 -13.14
C ARG B 71 14.69 -4.00 -13.34
N GLU B 72 14.25 -4.58 -12.24
CA GLU B 72 13.48 -5.82 -12.28
C GLU B 72 12.08 -5.67 -12.86
N LEU B 73 11.39 -4.54 -12.62
CA LEU B 73 10.12 -4.28 -13.29
C LEU B 73 10.30 -4.14 -14.81
N TYR B 74 11.27 -3.33 -15.23
CA TYR B 74 11.60 -3.15 -16.65
C TYR B 74 11.93 -4.47 -17.33
N ASP B 75 12.70 -5.35 -16.67
CA ASP B 75 12.97 -6.70 -17.22
C ASP B 75 11.71 -7.55 -17.40
N ARG B 76 10.78 -7.50 -16.45
CA ARG B 76 9.48 -8.19 -16.59
C ARG B 76 8.67 -7.65 -17.79
N GLY B 77 8.75 -6.33 -18.00
CA GLY B 77 8.08 -5.70 -19.11
C GLY B 77 6.59 -5.64 -18.91
N PRO B 78 5.85 -5.13 -19.89
CA PRO B 78 6.36 -4.76 -21.19
C PRO B 78 6.97 -3.38 -21.21
N PRO B 79 8.01 -3.17 -22.03
CA PRO B 79 8.72 -1.89 -22.02
C PRO B 79 7.91 -0.68 -22.42
N HIS B 80 6.89 -0.89 -23.24
CA HIS B 80 6.06 0.25 -23.67
C HIS B 80 5.20 0.85 -22.53
N ALA B 81 5.08 0.15 -21.40
CA ALA B 81 4.28 0.57 -20.24
C ALA B 81 4.96 1.53 -19.26
N PHE B 82 6.19 1.98 -19.57
CA PHE B 82 7.05 2.67 -18.64
C PHE B 82 7.23 4.14 -19.04
N PHE B 83 6.97 5.03 -18.06
CA PHE B 83 6.96 6.47 -18.23
C PHE B 83 7.68 7.13 -17.06
N LEU B 84 8.28 8.29 -17.34
CA LEU B 84 8.82 9.21 -16.38
C LEU B 84 8.04 10.50 -16.43
N VAL B 85 7.51 10.95 -15.30
CA VAL B 85 6.93 12.29 -15.15
C VAL B 85 7.86 13.12 -14.25
N LYS B 86 8.30 14.26 -14.78
CA LYS B 86 8.94 15.30 -14.00
C LYS B 86 7.85 16.28 -13.67
N PHE B 87 7.67 16.56 -12.39
CA PHE B 87 6.70 17.52 -11.90
C PHE B 87 7.49 18.71 -11.36
N TRP B 88 6.93 19.90 -11.59
CA TRP B 88 7.21 21.10 -10.85
C TRP B 88 6.02 21.31 -9.94
N ALA B 89 6.26 21.08 -8.65
CA ALA B 89 5.22 21.06 -7.67
C ALA B 89 4.97 22.47 -7.08
N ASP B 90 3.71 22.75 -6.78
CA ASP B 90 3.29 23.99 -6.28
C ASP B 90 3.10 23.85 -4.78
N LEU B 91 4.06 24.40 -4.02
CA LEU B 91 4.03 24.33 -2.53
C LEU B 91 3.77 25.70 -1.95
N ASN B 92 3.00 26.53 -2.65
CA ASN B 92 2.57 27.81 -2.15
C ASN B 92 1.07 27.81 -1.88
N TRP B 93 0.67 27.52 -0.64
CA TRP B 93 -0.74 27.38 -0.26
C TRP B 93 -0.96 27.87 1.18
N SER B 108 -1.56 23.82 9.16
CA SER B 108 -3.01 23.74 9.31
C SER B 108 -3.57 22.31 9.14
N GLY B 109 -4.85 22.17 9.46
CA GLY B 109 -5.54 20.87 9.51
C GLY B 109 -6.63 20.74 8.46
N GLY B 110 -6.25 20.89 7.19
CA GLY B 110 -7.14 20.66 6.04
C GLY B 110 -7.11 19.19 5.59
N PHE B 111 -7.59 18.91 4.36
CA PHE B 111 -7.61 17.55 3.83
C PHE B 111 -6.63 17.41 2.68
N TYR B 112 -5.75 16.42 2.78
CA TYR B 112 -4.71 16.11 1.83
C TYR B 112 -5.10 14.79 1.16
N GLY B 113 -5.24 14.85 -0.17
CA GLY B 113 -5.81 13.82 -0.95
C GLY B 113 -5.07 13.65 -2.24
N VAL B 114 -5.24 12.44 -2.79
CA VAL B 114 -4.71 11.99 -4.05
C VAL B 114 -5.89 11.37 -4.84
N SER B 115 -5.98 11.68 -6.13
CA SER B 115 -7.08 11.24 -7.00
C SER B 115 -6.47 10.81 -8.31
N SER B 116 -6.90 9.60 -8.74
CA SER B 116 -6.43 8.91 -9.92
C SER B 116 -7.62 8.34 -10.67
N GLN B 117 -7.57 8.42 -11.99
CA GLN B 117 -8.55 7.86 -12.84
C GLN B 117 -7.88 7.31 -14.06
N TYR B 118 -8.18 6.03 -14.35
CA TYR B 118 -7.76 5.31 -15.54
C TYR B 118 -8.97 4.80 -16.40
N GLU B 119 -8.66 4.47 -17.64
CA GLU B 119 -9.57 3.96 -18.60
C GLU B 119 -8.98 2.76 -19.34
N SER B 120 -9.83 1.80 -19.66
CA SER B 120 -9.48 0.65 -20.51
C SER B 120 -10.67 0.27 -21.38
N LEU B 121 -10.41 -0.51 -22.43
CA LEU B 121 -11.48 -1.20 -23.18
C LEU B 121 -11.82 -2.52 -22.56
N GLU B 122 -10.93 -3.08 -21.74
CA GLU B 122 -11.22 -4.35 -21.08
C GLU B 122 -11.64 -4.14 -19.62
N HIS B 123 -12.37 -5.11 -19.08
CA HIS B 123 -12.83 -5.12 -17.72
C HIS B 123 -11.80 -5.91 -16.93
N MET B 124 -11.16 -5.26 -15.96
CA MET B 124 -10.09 -5.87 -15.14
C MET B 124 -10.32 -5.45 -13.70
N THR B 125 -9.55 -6.03 -12.82
CA THR B 125 -9.47 -5.54 -11.48
C THR B 125 -8.00 -5.11 -11.40
N LEU B 126 -7.76 -3.86 -11.03
CA LEU B 126 -6.42 -3.26 -10.99
C LEU B 126 -5.86 -3.29 -9.59
N THR B 127 -4.57 -3.52 -9.46
CA THR B 127 -3.83 -3.18 -8.23
C THR B 127 -2.92 -2.01 -8.56
N CYS B 128 -3.10 -0.90 -7.84
CA CYS B 128 -2.22 0.26 -7.94
CA CYS B 128 -2.28 0.27 -7.93
C CYS B 128 -1.41 0.35 -6.68
N SER B 129 -0.08 0.23 -6.87
CA SER B 129 0.91 0.43 -5.85
C SER B 129 1.60 1.78 -6.05
N SER B 130 1.69 2.56 -4.99
CA SER B 130 2.49 3.80 -4.93
C SER B 130 3.55 3.75 -3.85
N LYS B 131 4.83 3.72 -4.28
CA LYS B 131 5.99 3.62 -3.39
CA LYS B 131 6.00 3.63 -3.40
C LYS B 131 6.73 4.97 -3.30
N VAL B 132 6.69 5.63 -2.15
CA VAL B 132 7.48 6.83 -1.85
C VAL B 132 8.90 6.37 -1.47
N CYS B 133 9.90 6.92 -2.16
CA CYS B 133 11.32 6.55 -1.97
C CYS B 133 12.20 7.75 -1.60
N SER B 134 13.06 7.57 -0.61
CA SER B 134 14.01 8.62 -0.13
C SER B 134 15.40 8.06 -0.31
N PHE B 135 16.20 8.74 -1.14
CA PHE B 135 17.54 8.28 -1.55
C PHE B 135 17.43 6.88 -2.15
N GLY B 136 16.43 6.70 -3.01
CA GLY B 136 16.23 5.42 -3.73
C GLY B 136 15.80 4.24 -2.88
N LYS B 137 15.25 4.50 -1.70
CA LYS B 137 14.83 3.46 -0.74
C LYS B 137 13.40 3.75 -0.36
N GLN B 138 12.59 2.70 -0.36
CA GLN B 138 11.18 2.78 0.01
C GLN B 138 11.04 3.18 1.45
N VAL B 139 10.07 4.04 1.76
CA VAL B 139 9.75 4.48 3.12
C VAL B 139 8.27 4.42 3.42
N VAL B 140 7.43 4.62 2.42
CA VAL B 140 6.00 4.27 2.49
C VAL B 140 5.52 3.66 1.16
N GLU B 141 4.51 2.81 1.26
CA GLU B 141 3.89 2.18 0.12
C GLU B 141 2.41 2.00 0.36
N LYS B 142 1.59 2.38 -0.63
CA LYS B 142 0.16 2.14 -0.51
C LYS B 142 -0.24 1.32 -1.70
N VAL B 143 -0.95 0.22 -1.45
CA VAL B 143 -1.49 -0.69 -2.44
C VAL B 143 -2.99 -0.70 -2.30
N GLU B 144 -3.71 -0.37 -3.39
CA GLU B 144 -5.18 -0.38 -3.45
C GLU B 144 -5.63 -1.18 -4.66
N THR B 145 -6.80 -1.82 -4.59
CA THR B 145 -7.42 -2.49 -5.75
C THR B 145 -8.65 -1.72 -6.20
N GLU B 146 -8.90 -1.69 -7.50
CA GLU B 146 -10.07 -1.04 -8.03
C GLU B 146 -10.66 -1.88 -9.18
N ARG B 147 -11.94 -2.19 -9.05
CA ARG B 147 -12.67 -2.95 -10.03
C ARG B 147 -13.26 -1.91 -11.00
N ALA B 148 -13.29 -2.26 -12.30
CA ALA B 148 -13.92 -1.46 -13.36
C ALA B 148 -15.40 -1.05 -13.14
N GLN B 149 -15.77 0.12 -13.63
CA GLN B 149 -17.15 0.56 -13.77
C GLN B 149 -17.42 0.73 -15.23
N LEU B 150 -18.49 0.11 -15.76
CA LEU B 150 -18.75 0.10 -17.21
C LEU B 150 -19.51 1.37 -17.52
N GLU B 151 -18.81 2.31 -18.19
CA GLU B 151 -19.34 3.61 -18.63
C GLU B 151 -19.34 3.72 -20.15
N ASP B 152 -19.16 4.90 -20.74
CA ASP B 152 -19.60 5.10 -22.15
C ASP B 152 -18.79 4.32 -23.23
N GLY B 153 -19.13 3.04 -23.40
CA GLY B 153 -18.37 2.10 -24.24
C GLY B 153 -16.89 1.95 -23.84
N ARG B 154 -16.64 1.95 -22.53
CA ARG B 154 -15.29 1.80 -21.96
C ARG B 154 -15.39 1.69 -20.44
N PHE B 155 -14.35 1.12 -19.85
CA PHE B 155 -14.26 0.92 -18.42
C PHE B 155 -13.47 2.11 -17.80
N VAL B 156 -13.86 2.46 -16.57
CA VAL B 156 -13.21 3.48 -15.80
C VAL B 156 -12.88 2.92 -14.43
N TYR B 157 -11.73 3.36 -13.91
CA TYR B 157 -11.23 2.96 -12.63
C TYR B 157 -10.98 4.25 -11.86
N ARG B 158 -11.65 4.36 -10.71
CA ARG B 158 -11.74 5.59 -9.96
C ARG B 158 -11.17 5.37 -8.56
N LEU B 159 -10.01 6.01 -8.30
CA LEU B 159 -9.39 6.01 -6.98
C LEU B 159 -9.36 7.45 -6.53
N LEU B 160 -10.52 8.00 -6.18
CA LEU B 160 -10.65 9.42 -5.91
C LEU B 160 -10.53 9.73 -4.44
N ARG B 161 -9.84 10.83 -4.11
CA ARG B 161 -9.80 11.37 -2.76
C ARG B 161 -9.24 10.35 -1.77
N SER B 162 -8.25 9.59 -2.19
CA SER B 162 -7.47 8.79 -1.28
C SER B 162 -6.78 9.78 -0.32
N PRO B 163 -6.96 9.64 1.00
CA PRO B 163 -6.19 10.45 1.95
C PRO B 163 -4.68 10.23 1.75
N MET B 164 -3.93 11.33 1.71
CA MET B 164 -2.48 11.28 1.64
C MET B 164 -1.92 10.68 2.94
N CYS B 165 -0.96 9.75 2.83
CA CYS B 165 -0.12 9.27 3.95
C CYS B 165 0.41 10.50 4.72
N GLU B 166 0.20 10.43 6.04
CA GLU B 166 0.61 11.44 6.98
C GLU B 166 2.12 11.79 6.83
N TYR B 167 2.89 10.85 6.34
CA TYR B 167 4.29 11.03 6.15
C TYR B 167 4.58 12.01 4.99
N LEU B 168 3.84 11.87 3.89
CA LEU B 168 3.90 12.77 2.77
C LEU B 168 3.40 14.18 3.18
N VAL B 169 2.31 14.23 3.94
CA VAL B 169 1.79 15.46 4.49
C VAL B 169 2.86 16.17 5.34
N ASN B 170 3.53 15.42 6.21
CA ASN B 170 4.59 15.99 7.04
C ASN B 170 5.75 16.47 6.21
N PHE B 171 6.18 15.63 5.27
CA PHE B 171 7.20 16.03 4.31
C PHE B 171 6.87 17.38 3.63
N LEU B 172 5.63 17.51 3.15
CA LEU B 172 5.23 18.74 2.48
C LEU B 172 5.32 19.95 3.40
N HIS B 173 4.89 19.79 4.66
CA HIS B 173 4.93 20.88 5.62
C HIS B 173 6.35 21.36 5.92
N LYS B 174 7.27 20.41 6.00
CA LYS B 174 8.67 20.68 6.19
C LYS B 174 9.32 21.31 4.96
N LEU B 175 9.14 20.68 3.79
CA LEU B 175 9.61 21.25 2.51
C LEU B 175 9.26 22.73 2.40
N ARG B 176 8.00 23.00 2.69
CA ARG B 176 7.37 24.32 2.59
C ARG B 176 8.08 25.43 3.35
N GLN B 177 8.64 25.06 4.51
CA GLN B 177 9.25 26.02 5.45
CA GLN B 177 9.25 26.00 5.47
C GLN B 177 10.75 26.27 5.22
N LEU B 178 11.35 25.59 4.25
CA LEU B 178 12.73 25.75 3.90
C LEU B 178 12.95 27.16 3.37
N PRO B 179 14.07 27.80 3.77
CA PRO B 179 14.25 29.21 3.44
C PRO B 179 14.58 29.48 1.97
N GLU B 180 14.95 28.48 1.17
CA GLU B 180 15.32 28.73 -0.21
C GLU B 180 14.81 27.63 -1.12
N ARG B 181 14.42 28.04 -2.31
CA ARG B 181 13.96 27.17 -3.36
C ARG B 181 15.02 26.17 -3.77
N TYR B 182 16.27 26.63 -3.85
CA TYR B 182 17.36 25.71 -4.24
C TYR B 182 17.53 24.58 -3.19
N MET B 183 17.29 24.86 -1.90
CA MET B 183 17.32 23.81 -0.84
C MET B 183 16.13 22.80 -1.01
N MET B 184 14.93 23.33 -1.19
CA MET B 184 13.79 22.50 -1.66
C MET B 184 14.19 21.59 -2.80
N ASN B 185 14.79 22.15 -3.85
CA ASN B 185 15.28 21.31 -4.95
C ASN B 185 16.35 20.31 -4.62
N SER B 186 17.25 20.66 -3.71
CA SER B 186 18.28 19.74 -3.27
C SER B 186 17.65 18.59 -2.56
N VAL B 187 16.73 18.88 -1.62
CA VAL B 187 16.02 17.83 -0.94
C VAL B 187 15.27 16.90 -1.94
N LEU B 188 14.52 17.51 -2.90
CA LEU B 188 13.70 16.72 -3.85
C LEU B 188 14.51 15.91 -4.79
N GLU B 189 15.78 16.26 -4.94
CA GLU B 189 16.69 15.47 -5.77
C GLU B 189 16.70 14.00 -5.31
N ASN B 190 16.51 13.79 -4.01
CA ASN B 190 16.53 12.48 -3.41
C ASN B 190 15.10 11.92 -3.05
N PHE B 191 14.06 12.42 -3.68
CA PHE B 191 12.68 12.08 -3.33
C PHE B 191 11.96 11.72 -4.57
N THR B 192 11.54 10.45 -4.65
CA THR B 192 10.86 9.91 -5.80
C THR B 192 9.61 9.09 -5.47
N ILE B 193 8.77 8.85 -6.49
CA ILE B 193 7.61 8.03 -6.40
C ILE B 193 7.54 7.09 -7.59
N LEU B 194 7.32 5.80 -7.31
CA LEU B 194 7.09 4.80 -8.32
C LEU B 194 5.66 4.28 -8.15
N GLN B 195 4.91 4.34 -9.25
CA GLN B 195 3.53 3.83 -9.34
C GLN B 195 3.52 2.70 -10.25
N VAL B 196 3.04 1.56 -9.80
CA VAL B 196 2.85 0.40 -10.69
C VAL B 196 1.40 -0.12 -10.60
N VAL B 197 0.83 -0.32 -11.78
CA VAL B 197 -0.52 -0.77 -11.96
C VAL B 197 -0.46 -2.10 -12.63
N THR B 198 -1.02 -3.13 -12.02
CA THR B 198 -1.06 -4.45 -12.63
C THR B 198 -2.48 -4.96 -12.66
N ASN B 199 -2.74 -5.88 -13.57
CA ASN B 199 -3.95 -6.68 -13.56
C ASN B 199 -3.88 -7.57 -12.34
N ARG B 200 -4.74 -7.31 -11.34
CA ARG B 200 -4.79 -8.12 -10.12
C ARG B 200 -4.99 -9.63 -10.44
N ASP B 201 -5.83 -9.96 -11.42
CA ASP B 201 -6.09 -11.35 -11.78
C ASP B 201 -4.88 -12.07 -12.41
N THR B 202 -4.21 -11.44 -13.37
CA THR B 202 -3.14 -12.08 -14.14
C THR B 202 -1.71 -11.75 -13.71
N GLN B 203 -1.55 -10.69 -12.89
CA GLN B 203 -0.26 -10.10 -12.51
C GLN B 203 0.57 -9.46 -13.66
N GLU B 204 -0.05 -9.22 -14.82
CA GLU B 204 0.55 -8.47 -15.89
C GLU B 204 0.68 -7.02 -15.48
N LEU B 205 1.84 -6.42 -15.75
CA LEU B 205 2.01 -4.98 -15.60
C LEU B 205 1.25 -4.21 -16.70
N LEU B 206 0.48 -3.19 -16.30
CA LEU B 206 -0.26 -2.33 -17.20
C LEU B 206 0.43 -1.00 -17.38
N LEU B 207 1.00 -0.47 -16.31
CA LEU B 207 1.57 0.87 -16.31
C LEU B 207 2.52 1.05 -15.14
N CYS B 208 3.71 1.53 -15.45
CA CYS B 208 4.70 1.88 -14.48
C CYS B 208 5.16 3.32 -14.73
N THR B 209 5.03 4.16 -13.74
CA THR B 209 5.40 5.56 -13.84
C THR B 209 6.33 5.95 -12.69
N ALA B 210 7.50 6.50 -13.06
CA ALA B 210 8.47 7.05 -12.16
C ALA B 210 8.21 8.57 -12.09
N TYR B 211 8.18 9.11 -10.88
CA TYR B 211 7.91 10.52 -10.71
C TYR B 211 9.13 11.14 -10.03
N VAL B 212 9.65 12.24 -10.64
CA VAL B 212 10.72 13.05 -10.07
C VAL B 212 10.19 14.46 -9.95
N PHE B 213 10.80 15.24 -9.07
CA PHE B 213 10.19 16.47 -8.56
C PHE B 213 11.15 17.62 -8.48
N GLU B 214 10.63 18.83 -8.74
CA GLU B 214 11.18 20.12 -8.31
C GLU B 214 10.03 20.92 -7.86
N VAL B 215 10.32 22.05 -7.23
CA VAL B 215 9.27 22.97 -6.82
C VAL B 215 9.21 23.99 -7.91
N SER B 216 8.00 24.45 -8.18
CA SER B 216 7.79 25.55 -9.10
C SER B 216 8.05 26.88 -8.33
N THR B 217 8.04 28.02 -9.00
CA THR B 217 8.40 29.32 -8.34
C THR B 217 7.21 30.15 -7.87
N SER B 218 6.31 29.58 -7.10
CA SER B 218 5.29 30.36 -6.36
C SER B 218 4.23 31.16 -7.17
N GLU B 219 4.65 31.99 -8.13
CA GLU B 219 3.71 32.65 -9.09
C GLU B 219 3.28 31.67 -10.16
N ARG B 220 4.13 30.67 -10.45
CA ARG B 220 3.77 29.59 -11.37
C ARG B 220 3.17 28.38 -10.60
N GLY B 221 2.05 27.90 -11.08
CA GLY B 221 1.42 26.74 -10.51
C GLY B 221 2.14 25.49 -10.98
N ALA B 222 1.51 24.35 -10.75
CA ALA B 222 2.12 23.06 -11.07
C ALA B 222 2.25 22.80 -12.55
N GLN B 223 3.37 22.23 -12.98
CA GLN B 223 3.49 21.74 -14.37
C GLN B 223 4.15 20.38 -14.33
N HIS B 224 4.09 19.68 -15.47
CA HIS B 224 4.74 18.41 -15.67
C HIS B 224 5.24 18.29 -17.12
N HIS B 225 6.13 17.34 -17.33
CA HIS B 225 6.60 16.92 -18.60
C HIS B 225 6.66 15.38 -18.49
N ILE B 226 5.98 14.67 -19.41
CA ILE B 226 5.92 13.22 -19.48
C ILE B 226 6.95 12.73 -20.51
N TYR B 227 7.73 11.70 -20.16
CA TYR B 227 8.69 11.01 -21.03
C TYR B 227 8.37 9.50 -21.10
N ARG B 228 8.67 8.85 -22.22
CA ARG B 228 8.78 7.35 -22.32
C ARG B 228 10.12 6.89 -21.75
N LEU B 229 10.12 5.86 -20.92
CA LEU B 229 11.33 5.24 -20.42
C LEU B 229 11.72 4.11 -21.36
N VAL B 230 12.95 4.21 -21.90
CA VAL B 230 13.46 3.30 -22.94
C VAL B 230 14.76 2.70 -22.49
N ARG B 231 15.32 1.85 -23.36
CA ARG B 231 16.50 1.07 -23.04
C ARG B 231 17.04 0.33 -24.26
C1 MYR C . 0.91 -7.75 1.30
O1 MYR C . 2.13 -8.04 1.10
C2 MYR C . 0.49 -7.61 2.73
C3 MYR C . 0.51 -8.91 3.47
C4 MYR C . -0.06 -8.75 4.85
C5 MYR C . 0.08 -9.99 5.66
C6 MYR C . 1.48 -10.52 5.71
C7 MYR C . 1.73 -11.37 6.93
C8 MYR C . 2.59 -12.55 6.66
C9 MYR C . 4.05 -12.26 6.59
C10 MYR C . 4.92 -13.43 6.97
C11 MYR C . 6.15 -12.99 7.65
C12 MYR C . 6.87 -14.07 8.39
C13 MYR C . 8.03 -13.56 9.26
C14 MYR C . 7.99 -12.12 9.57
C1 MYR D . 0.04 7.74 0.25
O1 MYR D . -1.19 7.86 -0.11
C2 MYR D . 0.89 7.88 -1.03
C3 MYR D . 0.17 8.17 -2.37
C4 MYR D . 1.17 8.27 -3.51
C5 MYR D . 0.93 9.44 -4.45
C6 MYR D . 1.52 10.71 -3.89
C7 MYR D . 1.64 11.79 -4.96
C8 MYR D . 2.35 12.97 -4.36
C9 MYR D . 2.19 14.19 -5.22
C10 MYR D . 3.32 15.16 -5.20
C11 MYR D . 3.84 15.45 -3.82
C12 MYR D . 4.61 16.78 -3.83
C13 MYR D . 6.03 16.59 -3.32
C14 MYR D . 6.91 17.78 -3.68
C10 KWW E . 16.19 9.77 4.62
C12 KWW E . 12.75 9.97 5.32
C13 KWW E . 11.42 10.33 4.77
C15 KWW E . 10.15 11.33 2.96
C1 KWW E . 10.61 8.93 9.38
C2 KWW E . 9.70 7.87 8.80
C3 KWW E . 8.32 8.01 8.90
C4 KWW E . 7.47 7.06 8.36
C5 KWW E . 7.97 5.96 7.72
C6 KWW E . 9.34 5.78 7.63
C7 KWW E . 10.20 6.73 8.17
C8 KWW E . 13.18 9.47 6.63
C9 KWW E . 14.55 9.37 6.51
C11 KWW E . 17.24 9.02 5.41
C14 KWW E . 11.36 11.11 3.61
C16 KWW E . 8.99 10.76 3.47
C17 KWW E . 9.04 9.99 4.60
C18 KWW E . 10.24 9.80 5.27
CL1 KWW E . 7.62 9.17 5.13
CL KWW E . 7.48 11.05 2.68
N3 KWW E . 13.79 10.11 4.52
N1 KWW E . 14.87 9.74 5.25
N2 KWW E . 17.25 7.61 5.09
C KWW E . 12.54 8.91 7.88
O KWW E . 13.00 7.88 8.40
N KWW E . 11.50 9.56 8.41
#